data_2H9D
#
_entry.id   2H9D
#
_cell.length_a   54.523
_cell.length_b   74.636
_cell.length_c   88.902
_cell.angle_alpha   90.00
_cell.angle_beta   90.00
_cell.angle_gamma   90.00
#
_symmetry.space_group_name_H-M   'P 21 21 21'
#
loop_
_entity.id
_entity.type
_entity.pdbx_description
1 polymer 'Salicylate biosynthesis protein pchB'
2 non-polymer 'PYRUVIC ACID'
3 non-polymer 'CALCIUM ION'
4 water water
#
_entity_poly.entity_id   1
_entity_poly.type   'polypeptide(L)'
_entity_poly.pdbx_seq_one_letter_code
;MKTPEDCTGLADIREAIDRIDLDIVQALGRRMDYVKAASRFKASEAAIPAPERVAAMLPERARWAEENGLDAPFVEGLFA
QIIHWYIAEQIKYWRQTRGAA
;
_entity_poly.pdbx_strand_id   A,B,C,D
#
loop_
_chem_comp.id
_chem_comp.type
_chem_comp.name
_chem_comp.formula
CA non-polymer 'CALCIUM ION' 'Ca 2'
PYR non-polymer 'PYRUVIC ACID' 'C3 H4 O3'
#
# COMPACT_ATOMS: atom_id res chain seq x y z
N MET A 1 21.43 20.19 -7.15
CA MET A 1 20.37 20.24 -6.09
C MET A 1 20.99 20.58 -4.74
N LYS A 2 20.59 21.73 -4.18
CA LYS A 2 21.12 22.16 -2.88
C LYS A 2 21.00 21.04 -1.86
N THR A 3 22.09 20.81 -1.14
CA THR A 3 22.13 19.78 -0.10
C THR A 3 21.22 20.20 1.05
N PRO A 4 20.79 19.24 1.88
CA PRO A 4 19.91 19.60 3.00
C PRO A 4 20.47 20.77 3.81
N GLU A 5 21.79 20.80 3.98
CA GLU A 5 22.43 21.87 4.74
C GLU A 5 22.53 23.21 4.02
N ASP A 6 22.50 23.20 2.69
CA ASP A 6 22.59 24.44 1.93
C ASP A 6 21.23 25.08 1.64
N CYS A 7 20.17 24.45 2.13
CA CYS A 7 18.82 24.97 1.93
C CYS A 7 18.60 26.15 2.88
N THR A 8 18.39 27.33 2.31
CA THR A 8 18.17 28.54 3.10
C THR A 8 16.78 28.61 3.72
N GLY A 9 15.82 27.94 3.10
CA GLY A 9 14.46 27.96 3.63
C GLY A 9 13.61 26.80 3.19
N LEU A 10 12.32 26.90 3.49
CA LEU A 10 11.36 25.86 3.14
C LEU A 10 11.30 25.66 1.62
N ALA A 11 11.43 26.75 0.87
CA ALA A 11 11.38 26.71 -0.59
C ALA A 11 12.42 25.78 -1.18
N ASP A 12 13.65 25.86 -0.69
CA ASP A 12 14.71 25.00 -1.19
C ASP A 12 14.40 23.54 -0.88
N ILE A 13 13.96 23.28 0.34
CA ILE A 13 13.64 21.93 0.77
C ILE A 13 12.50 21.28 -0.01
N ARG A 14 11.42 22.02 -0.24
CA ARG A 14 10.30 21.48 -0.98
C ARG A 14 10.63 21.18 -2.43
N GLU A 15 11.49 21.99 -3.05
CA GLU A 15 11.87 21.75 -4.44
C GLU A 15 12.80 20.55 -4.52
N ALA A 16 13.58 20.32 -3.47
CA ALA A 16 14.48 19.18 -3.43
C ALA A 16 13.65 17.91 -3.29
N ILE A 17 12.63 17.97 -2.42
CA ILE A 17 11.75 16.82 -2.20
C ILE A 17 10.96 16.50 -3.48
N ASP A 18 10.57 17.53 -4.23
CA ASP A 18 9.85 17.29 -5.49
C ASP A 18 10.76 16.55 -6.48
N ARG A 19 12.04 16.93 -6.52
CA ARG A 19 13.00 16.30 -7.43
C ARG A 19 13.26 14.86 -7.02
N ILE A 20 13.33 14.62 -5.71
CA ILE A 20 13.57 13.28 -5.19
C ILE A 20 12.33 12.39 -5.48
N ASP A 21 11.14 12.91 -5.20
CA ASP A 21 9.93 12.14 -5.43
C ASP A 21 9.76 11.81 -6.91
N LEU A 22 10.14 12.74 -7.78
CA LEU A 22 10.05 12.50 -9.21
C LEU A 22 11.09 11.46 -9.61
N ASP A 23 12.27 11.49 -8.98
CA ASP A 23 13.31 10.50 -9.29
C ASP A 23 12.73 9.12 -8.97
N ILE A 24 12.02 9.04 -7.86
CA ILE A 24 11.43 7.80 -7.41
C ILE A 24 10.38 7.31 -8.41
N VAL A 25 9.53 8.21 -8.88
CA VAL A 25 8.52 7.83 -9.85
C VAL A 25 9.17 7.36 -11.15
N GLN A 26 10.20 8.08 -11.60
CA GLN A 26 10.85 7.70 -12.84
C GLN A 26 11.56 6.36 -12.66
N ALA A 27 12.01 6.07 -11.45
CA ALA A 27 12.68 4.81 -11.16
C ALA A 27 11.65 3.68 -11.18
N LEU A 28 10.47 3.96 -10.62
CA LEU A 28 9.41 2.97 -10.61
C LEU A 28 9.01 2.70 -12.05
N GLY A 29 9.01 3.75 -12.87
CA GLY A 29 8.68 3.61 -14.28
C GLY A 29 9.68 2.69 -14.97
N ARG A 30 10.97 2.89 -14.73
CA ARG A 30 12.00 2.04 -15.30
C ARG A 30 11.84 0.61 -14.80
N ARG A 31 11.57 0.49 -13.51
CA ARG A 31 11.38 -0.81 -12.87
C ARG A 31 10.34 -1.63 -13.64
N MET A 32 9.24 -0.99 -14.03
CA MET A 32 8.19 -1.69 -14.77
C MET A 32 8.65 -2.15 -16.15
N ASP A 33 9.59 -1.42 -16.76
CA ASP A 33 10.11 -1.83 -18.07
C ASP A 33 10.88 -3.14 -17.92
N TYR A 34 11.67 -3.23 -16.85
CA TYR A 34 12.46 -4.43 -16.59
C TYR A 34 11.58 -5.64 -16.27
N VAL A 35 10.56 -5.43 -15.46
CA VAL A 35 9.64 -6.50 -15.07
C VAL A 35 8.94 -7.09 -16.30
N LYS A 36 8.35 -6.23 -17.12
CA LYS A 36 7.65 -6.68 -18.32
C LYS A 36 8.64 -7.40 -19.24
N ALA A 37 9.88 -6.92 -19.27
CA ALA A 37 10.91 -7.54 -20.10
C ALA A 37 11.32 -8.90 -19.56
N ALA A 38 11.02 -9.14 -18.28
CA ALA A 38 11.36 -10.41 -17.64
C ALA A 38 10.32 -11.48 -17.96
N SER A 39 9.21 -11.07 -18.56
CA SER A 39 8.13 -11.99 -18.91
C SER A 39 8.57 -13.11 -19.84
N ARG A 40 9.36 -12.78 -20.86
CA ARG A 40 9.83 -13.78 -21.80
C ARG A 40 10.81 -14.78 -21.17
N PHE A 41 11.09 -14.61 -19.88
CA PHE A 41 12.00 -15.50 -19.18
C PHE A 41 11.29 -16.36 -18.15
N GLU A 52 10.88 -17.94 -3.54
CA GLU A 52 12.14 -17.68 -2.84
C GLU A 52 12.67 -16.29 -3.16
N ARG A 53 12.38 -15.80 -4.36
CA ARG A 53 12.83 -14.47 -4.78
C ARG A 53 12.20 -13.39 -3.91
N VAL A 54 10.88 -13.39 -3.81
CA VAL A 54 10.18 -12.41 -2.98
C VAL A 54 10.65 -12.52 -1.53
N ALA A 55 10.81 -13.76 -1.06
CA ALA A 55 11.25 -14.00 0.31
C ALA A 55 12.67 -13.51 0.55
N ALA A 56 13.47 -13.40 -0.50
CA ALA A 56 14.84 -12.94 -0.36
C ALA A 56 14.89 -11.42 -0.52
N MET A 57 14.10 -10.91 -1.46
CA MET A 57 14.05 -9.47 -1.75
C MET A 57 13.64 -8.54 -0.61
N LEU A 58 12.59 -8.90 0.13
CA LEU A 58 12.11 -8.03 1.21
C LEU A 58 13.11 -7.79 2.34
N PRO A 59 13.68 -8.86 2.91
CA PRO A 59 14.64 -8.62 4.00
C PRO A 59 15.79 -7.76 3.50
N GLU A 60 16.14 -7.94 2.23
CA GLU A 60 17.23 -7.18 1.64
C GLU A 60 16.92 -5.68 1.62
N ARG A 61 15.69 -5.34 1.26
CA ARG A 61 15.29 -3.94 1.22
C ARG A 61 15.19 -3.38 2.64
N ALA A 62 14.81 -4.22 3.58
CA ALA A 62 14.72 -3.79 4.98
C ALA A 62 16.15 -3.42 5.43
N ARG A 63 17.13 -4.21 5.01
CA ARG A 63 18.52 -3.97 5.36
C ARG A 63 18.97 -2.62 4.79
N TRP A 64 18.69 -2.40 3.51
CA TRP A 64 19.06 -1.14 2.87
C TRP A 64 18.42 0.04 3.59
N ALA A 65 17.18 -0.15 4.03
CA ALA A 65 16.44 0.88 4.74
C ALA A 65 17.18 1.32 6.02
N GLU A 66 17.62 0.34 6.80
CA GLU A 66 18.33 0.63 8.04
C GLU A 66 19.65 1.32 7.74
N GLU A 67 20.32 0.90 6.67
CA GLU A 67 21.59 1.50 6.28
C GLU A 67 21.40 2.95 5.86
N ASN A 68 20.19 3.30 5.43
CA ASN A 68 19.91 4.65 4.98
C ASN A 68 19.13 5.49 5.99
N GLY A 69 19.12 5.05 7.24
CA GLY A 69 18.44 5.77 8.30
C GLY A 69 16.93 5.78 8.28
N LEU A 70 16.32 4.72 7.75
CA LEU A 70 14.87 4.65 7.66
C LEU A 70 14.30 3.47 8.43
N ASP A 71 13.07 3.61 8.92
CA ASP A 71 12.42 2.54 9.64
C ASP A 71 12.33 1.37 8.66
N ALA A 72 13.04 0.30 8.96
CA ALA A 72 13.06 -0.88 8.09
C ALA A 72 11.69 -1.49 7.78
N PRO A 73 10.84 -1.71 8.81
CA PRO A 73 9.50 -2.29 8.57
C PRO A 73 8.64 -1.45 7.62
N PHE A 74 8.63 -0.13 7.81
CA PHE A 74 7.85 0.74 6.94
C PHE A 74 8.32 0.63 5.49
N VAL A 75 9.63 0.70 5.29
CA VAL A 75 10.20 0.63 3.95
C VAL A 75 10.00 -0.73 3.31
N GLU A 76 10.05 -1.78 4.11
CA GLU A 76 9.85 -3.13 3.59
C GLU A 76 8.37 -3.26 3.18
N GLY A 77 7.49 -2.61 3.93
CA GLY A 77 6.08 -2.65 3.63
C GLY A 77 5.80 -1.96 2.31
N LEU A 78 6.57 -0.91 2.02
CA LEU A 78 6.44 -0.19 0.76
C LEU A 78 6.85 -1.11 -0.39
N PHE A 79 7.94 -1.84 -0.23
CA PHE A 79 8.37 -2.74 -1.30
C PHE A 79 7.49 -3.97 -1.44
N ALA A 80 6.83 -4.36 -0.36
CA ALA A 80 5.93 -5.48 -0.42
C ALA A 80 4.80 -5.06 -1.36
N GLN A 81 4.39 -3.80 -1.25
CA GLN A 81 3.31 -3.26 -2.08
C GLN A 81 3.75 -3.14 -3.52
N ILE A 82 4.99 -2.68 -3.71
CA ILE A 82 5.55 -2.50 -5.03
C ILE A 82 5.78 -3.84 -5.73
N ILE A 83 6.42 -4.77 -5.05
CA ILE A 83 6.71 -6.07 -5.63
C ILE A 83 5.47 -6.83 -6.07
N HIS A 84 4.43 -6.82 -5.25
CA HIS A 84 3.23 -7.54 -5.63
C HIS A 84 2.50 -6.84 -6.77
N TRP A 85 2.58 -5.51 -6.84
CA TRP A 85 1.91 -4.80 -7.92
C TRP A 85 2.55 -5.21 -9.23
N TYR A 86 3.88 -5.27 -9.25
CA TYR A 86 4.58 -5.64 -10.47
C TYR A 86 4.40 -7.11 -10.84
N ILE A 87 4.21 -7.96 -9.83
CA ILE A 87 3.98 -9.38 -10.09
C ILE A 87 2.61 -9.54 -10.75
N ALA A 88 1.63 -8.82 -10.22
CA ALA A 88 0.26 -8.87 -10.74
C ALA A 88 0.16 -8.28 -12.15
N GLU A 89 1.00 -7.30 -12.44
CA GLU A 89 1.01 -6.67 -13.75
C GLU A 89 1.64 -7.63 -14.76
N GLN A 90 2.70 -8.30 -14.31
CA GLN A 90 3.44 -9.25 -15.14
C GLN A 90 2.59 -10.44 -15.58
N ILE A 91 1.70 -10.88 -14.70
CA ILE A 91 0.84 -12.03 -15.00
C ILE A 91 0.03 -11.84 -16.28
N LYS A 92 -0.37 -10.61 -16.57
CA LYS A 92 -1.14 -10.35 -17.78
C LYS A 92 -0.25 -10.28 -19.02
N TYR A 93 1.06 -10.41 -18.82
CA TYR A 93 2.02 -10.38 -19.92
C TYR A 93 2.59 -11.78 -20.17
N TRP A 94 1.91 -12.78 -19.62
CA TRP A 94 2.32 -14.18 -19.78
C TRP A 94 2.43 -14.51 -21.27
N LYS B 2 22.43 -3.28 -17.36
CA LYS B 2 21.92 -3.55 -18.74
C LYS B 2 20.52 -2.99 -18.95
N THR B 3 20.27 -2.45 -20.14
CA THR B 3 18.94 -1.92 -20.45
C THR B 3 17.98 -3.10 -20.46
N PRO B 4 16.67 -2.81 -20.41
CA PRO B 4 15.69 -3.91 -20.41
C PRO B 4 15.88 -4.87 -21.58
N GLU B 5 16.16 -4.31 -22.75
CA GLU B 5 16.35 -5.12 -23.96
C GLU B 5 17.68 -5.84 -24.03
N ASP B 6 18.64 -5.44 -23.20
CA ASP B 6 19.96 -6.08 -23.19
C ASP B 6 20.07 -7.19 -22.15
N CYS B 7 19.02 -7.38 -21.36
CA CYS B 7 19.02 -8.43 -20.36
C CYS B 7 18.85 -9.78 -21.04
N THR B 8 19.79 -10.68 -20.82
CA THR B 8 19.78 -12.00 -21.43
C THR B 8 18.97 -13.00 -20.61
N GLY B 9 18.76 -12.69 -19.34
CA GLY B 9 18.01 -13.58 -18.49
C GLY B 9 17.57 -12.94 -17.19
N LEU B 10 16.99 -13.75 -16.31
CA LEU B 10 16.51 -13.26 -15.03
C LEU B 10 17.63 -12.69 -14.17
N ALA B 11 18.87 -13.10 -14.46
CA ALA B 11 20.01 -12.62 -13.70
C ALA B 11 20.22 -11.13 -13.92
N ASP B 12 20.27 -10.71 -15.19
CA ASP B 12 20.46 -9.30 -15.51
C ASP B 12 19.25 -8.49 -15.08
N ILE B 13 18.06 -9.05 -15.28
CA ILE B 13 16.82 -8.39 -14.91
C ILE B 13 16.82 -8.05 -13.42
N ARG B 14 17.05 -9.07 -12.59
CA ARG B 14 17.04 -8.91 -11.15
C ARG B 14 18.15 -8.00 -10.63
N GLU B 15 19.30 -7.98 -11.29
CA GLU B 15 20.37 -7.09 -10.86
C GLU B 15 19.94 -5.65 -11.10
N ALA B 16 19.29 -5.42 -12.23
CA ALA B 16 18.81 -4.08 -12.60
C ALA B 16 17.71 -3.64 -11.64
N ILE B 17 16.86 -4.59 -11.24
CA ILE B 17 15.77 -4.29 -10.33
C ILE B 17 16.29 -4.02 -8.92
N ASP B 18 17.28 -4.78 -8.48
CA ASP B 18 17.84 -4.53 -7.14
C ASP B 18 18.54 -3.17 -7.16
N ARG B 19 19.15 -2.84 -8.28
CA ARG B 19 19.83 -1.56 -8.45
C ARG B 19 18.82 -0.43 -8.30
N ILE B 20 17.70 -0.55 -9.01
CA ILE B 20 16.64 0.45 -8.96
C ILE B 20 16.02 0.54 -7.57
N ASP B 21 15.80 -0.60 -6.94
CA ASP B 21 15.21 -0.58 -5.61
C ASP B 21 16.14 0.07 -4.59
N LEU B 22 17.45 -0.13 -4.77
CA LEU B 22 18.41 0.48 -3.87
C LEU B 22 18.36 1.99 -4.10
N ASP B 23 18.33 2.40 -5.36
CA ASP B 23 18.26 3.81 -5.72
C ASP B 23 17.06 4.47 -5.01
N ILE B 24 15.95 3.74 -4.97
CA ILE B 24 14.74 4.25 -4.33
C ILE B 24 14.91 4.36 -2.81
N VAL B 25 15.48 3.34 -2.19
CA VAL B 25 15.69 3.37 -0.75
C VAL B 25 16.63 4.53 -0.41
N GLN B 26 17.69 4.71 -1.20
CA GLN B 26 18.64 5.79 -0.97
C GLN B 26 17.94 7.14 -1.16
N ALA B 27 17.04 7.21 -2.13
CA ALA B 27 16.29 8.44 -2.38
C ALA B 27 15.40 8.75 -1.18
N LEU B 28 14.74 7.73 -0.64
CA LEU B 28 13.88 7.89 0.52
C LEU B 28 14.75 8.34 1.70
N GLY B 29 16.00 7.87 1.72
CA GLY B 29 16.91 8.27 2.78
C GLY B 29 17.22 9.75 2.64
N ARG B 30 17.58 10.20 1.44
CA ARG B 30 17.88 11.61 1.23
C ARG B 30 16.63 12.43 1.55
N ARG B 31 15.47 11.93 1.13
CA ARG B 31 14.20 12.60 1.38
C ARG B 31 14.04 12.88 2.87
N MET B 32 14.42 11.92 3.70
CA MET B 32 14.30 12.11 5.15
C MET B 32 15.27 13.19 5.63
N ASP B 33 16.46 13.25 5.07
CA ASP B 33 17.43 14.27 5.46
C ASP B 33 16.83 15.65 5.19
N TYR B 34 16.05 15.77 4.12
CA TYR B 34 15.42 17.05 3.78
C TYR B 34 14.27 17.41 4.69
N VAL B 35 13.47 16.42 5.08
CA VAL B 35 12.34 16.67 5.96
C VAL B 35 12.84 17.07 7.34
N LYS B 36 13.92 16.44 7.79
CA LYS B 36 14.51 16.75 9.09
C LYS B 36 15.11 18.16 9.06
N ALA B 37 15.82 18.48 7.99
CA ALA B 37 16.44 19.80 7.86
C ALA B 37 15.34 20.87 7.85
N ALA B 38 14.17 20.50 7.38
CA ALA B 38 13.01 21.41 7.30
C ALA B 38 12.52 21.89 8.66
N SER B 39 12.70 21.06 9.69
CA SER B 39 12.25 21.43 11.02
C SER B 39 12.67 22.85 11.40
N ARG B 40 13.89 23.22 11.00
CA ARG B 40 14.46 24.52 11.27
C ARG B 40 13.54 25.67 10.87
N PHE B 41 12.46 25.34 10.16
CA PHE B 41 11.51 26.34 9.70
C PHE B 41 10.12 25.98 10.17
N ILE B 48 6.89 20.17 9.37
CA ILE B 48 5.65 19.52 8.96
C ILE B 48 4.94 20.36 7.90
N PRO B 49 4.62 19.74 6.75
CA PRO B 49 3.94 20.43 5.65
C PRO B 49 2.45 20.67 5.93
N ALA B 50 1.96 21.84 5.52
CA ALA B 50 0.57 22.19 5.73
C ALA B 50 -0.34 21.39 4.81
N PRO B 51 -1.61 21.21 5.20
CA PRO B 51 -2.58 20.46 4.39
C PRO B 51 -2.65 20.94 2.95
N GLU B 52 -2.32 22.22 2.74
CA GLU B 52 -2.34 22.79 1.40
C GLU B 52 -1.20 22.25 0.55
N ARG B 53 -0.01 22.13 1.14
CA ARG B 53 1.15 21.62 0.44
C ARG B 53 0.87 20.17 0.04
N VAL B 54 0.34 19.39 0.97
CA VAL B 54 0.01 18.00 0.70
C VAL B 54 -1.00 17.92 -0.46
N ALA B 55 -2.02 18.78 -0.44
CA ALA B 55 -3.03 18.78 -1.49
C ALA B 55 -2.46 19.11 -2.86
N ALA B 56 -1.38 19.88 -2.90
CA ALA B 56 -0.76 20.23 -4.17
C ALA B 56 0.17 19.09 -4.61
N MET B 57 0.84 18.48 -3.64
CA MET B 57 1.79 17.40 -3.90
C MET B 57 1.25 16.12 -4.53
N LEU B 58 0.15 15.61 -3.98
CA LEU B 58 -0.40 14.35 -4.46
C LEU B 58 -0.86 14.31 -5.90
N PRO B 59 -1.63 15.33 -6.34
CA PRO B 59 -2.09 15.32 -7.74
C PRO B 59 -0.91 15.39 -8.71
N GLU B 60 0.16 16.05 -8.28
CA GLU B 60 1.31 16.20 -9.13
C GLU B 60 2.04 14.86 -9.28
N ARG B 61 2.09 14.11 -8.20
CA ARG B 61 2.74 12.81 -8.22
C ARG B 61 1.91 11.82 -9.05
N ALA B 62 0.59 12.03 -9.06
CA ALA B 62 -0.30 11.17 -9.87
C ALA B 62 0.05 11.44 -11.34
N ARG B 63 0.18 12.73 -11.67
CA ARG B 63 0.52 13.16 -13.02
C ARG B 63 1.87 12.59 -13.43
N TRP B 64 2.81 12.60 -12.50
CA TRP B 64 4.14 12.05 -12.80
C TRP B 64 4.00 10.55 -13.12
N ALA B 65 3.18 9.87 -12.32
CA ALA B 65 2.96 8.44 -12.51
C ALA B 65 2.51 8.15 -13.93
N GLU B 66 1.53 8.91 -14.40
CA GLU B 66 0.98 8.73 -15.75
C GLU B 66 2.01 8.97 -16.83
N GLU B 67 2.77 10.05 -16.70
CA GLU B 67 3.80 10.37 -17.67
C GLU B 67 4.79 9.20 -17.76
N ASN B 68 4.96 8.46 -16.67
CA ASN B 68 5.87 7.33 -16.64
C ASN B 68 5.23 5.96 -16.81
N GLY B 69 4.05 5.92 -17.41
CA GLY B 69 3.37 4.65 -17.65
C GLY B 69 2.93 3.87 -16.43
N LEU B 70 2.72 4.56 -15.30
CA LEU B 70 2.29 3.90 -14.08
C LEU B 70 0.86 4.25 -13.69
N ASP B 71 0.26 3.41 -12.86
CA ASP B 71 -1.10 3.63 -12.39
C ASP B 71 -1.11 4.76 -11.35
N ALA B 72 -1.84 5.83 -11.65
CA ALA B 72 -1.92 6.99 -10.77
C ALA B 72 -2.42 6.71 -9.35
N PRO B 73 -3.59 6.06 -9.22
CA PRO B 73 -4.12 5.75 -7.89
C PRO B 73 -3.11 5.02 -7.02
N PHE B 74 -2.41 4.07 -7.62
CA PHE B 74 -1.39 3.27 -6.93
C PHE B 74 -0.23 4.12 -6.45
N VAL B 75 0.37 4.88 -7.37
CA VAL B 75 1.51 5.71 -7.02
C VAL B 75 1.14 6.81 -6.05
N GLU B 76 -0.03 7.43 -6.23
CA GLU B 76 -0.43 8.49 -5.32
C GLU B 76 -0.63 7.92 -3.92
N GLY B 77 -1.12 6.68 -3.86
CA GLY B 77 -1.31 6.03 -2.58
C GLY B 77 0.03 5.80 -1.89
N LEU B 78 1.05 5.41 -2.67
CA LEU B 78 2.37 5.19 -2.11
C LEU B 78 2.91 6.48 -1.51
N PHE B 79 2.81 7.58 -2.26
CA PHE B 79 3.29 8.85 -1.76
C PHE B 79 2.44 9.39 -0.62
N ALA B 80 1.17 9.02 -0.58
CA ALA B 80 0.32 9.46 0.52
C ALA B 80 0.90 8.81 1.77
N GLN B 81 1.34 7.57 1.64
CA GLN B 81 1.92 6.82 2.76
C GLN B 81 3.26 7.40 3.16
N ILE B 82 4.08 7.74 2.17
CA ILE B 82 5.39 8.32 2.43
C ILE B 82 5.27 9.66 3.18
N ILE B 83 4.49 10.59 2.64
CA ILE B 83 4.30 11.89 3.29
C ILE B 83 3.75 11.70 4.69
N HIS B 84 2.70 10.88 4.80
CA HIS B 84 2.05 10.59 6.07
C HIS B 84 3.06 10.04 7.10
N TRP B 85 3.86 9.06 6.69
CA TRP B 85 4.85 8.48 7.60
C TRP B 85 5.95 9.48 7.97
N TYR B 86 6.39 10.27 7.00
CA TYR B 86 7.43 11.26 7.25
C TYR B 86 6.95 12.39 8.17
N ILE B 87 5.66 12.70 8.13
CA ILE B 87 5.12 13.74 8.99
C ILE B 87 5.21 13.22 10.42
N ALA B 88 4.90 11.94 10.60
CA ALA B 88 4.96 11.29 11.90
C ALA B 88 6.40 11.29 12.41
N GLU B 89 7.34 10.90 11.55
CA GLU B 89 8.74 10.86 11.92
C GLU B 89 9.23 12.27 12.23
N GLN B 90 8.66 13.25 11.53
CA GLN B 90 9.04 14.64 11.71
C GLN B 90 8.60 15.11 13.09
N ILE B 91 7.50 14.54 13.60
CA ILE B 91 7.00 14.90 14.91
C ILE B 91 7.83 14.25 16.01
N LYS B 92 8.34 13.05 15.75
CA LYS B 92 9.17 12.34 16.72
C LYS B 92 10.55 12.97 16.79
N TYR B 93 10.99 13.53 15.66
CA TYR B 93 12.29 14.18 15.57
C TYR B 93 12.26 15.54 16.26
N TRP B 94 11.22 15.77 17.05
CA TRP B 94 11.06 17.04 17.78
C TRP B 94 10.91 16.76 19.27
N MET C 1 -27.42 -9.46 -1.52
CA MET C 1 -26.58 -10.07 -2.59
C MET C 1 -26.81 -11.57 -2.66
N LYS C 2 -26.36 -12.17 -3.77
CA LYS C 2 -26.50 -13.61 -3.96
C LYS C 2 -25.13 -14.21 -3.65
N THR C 3 -25.06 -15.54 -3.57
CA THR C 3 -23.78 -16.18 -3.32
C THR C 3 -23.05 -16.15 -4.66
N PRO C 4 -21.72 -16.34 -4.66
CA PRO C 4 -21.05 -16.29 -5.96
C PRO C 4 -21.59 -17.29 -6.97
N GLU C 5 -22.15 -18.40 -6.50
CA GLU C 5 -22.71 -19.43 -7.38
C GLU C 5 -24.03 -19.00 -8.03
N ASP C 6 -24.84 -18.22 -7.30
CA ASP C 6 -26.13 -17.77 -7.81
C ASP C 6 -26.07 -16.52 -8.68
N CYS C 7 -24.92 -15.87 -8.75
CA CYS C 7 -24.79 -14.68 -9.57
C CYS C 7 -25.02 -15.07 -11.03
N THR C 8 -25.93 -14.36 -11.67
CA THR C 8 -26.28 -14.63 -13.06
C THR C 8 -25.39 -13.89 -14.07
N GLY C 9 -24.73 -12.84 -13.58
CA GLY C 9 -23.86 -12.04 -14.44
C GLY C 9 -23.04 -11.04 -13.66
N LEU C 10 -22.30 -10.18 -14.36
CA LEU C 10 -21.46 -9.20 -13.70
C LEU C 10 -22.25 -8.24 -12.81
N ALA C 11 -23.53 -8.03 -13.13
CA ALA C 11 -24.36 -7.13 -12.34
C ALA C 11 -24.51 -7.66 -10.91
N ASP C 12 -24.73 -8.96 -10.78
CA ASP C 12 -24.89 -9.58 -9.46
C ASP C 12 -23.52 -9.65 -8.76
N ILE C 13 -22.49 -9.97 -9.52
CA ILE C 13 -21.12 -10.08 -9.00
C ILE C 13 -20.71 -8.75 -8.34
N ARG C 14 -20.95 -7.65 -9.05
CA ARG C 14 -20.58 -6.32 -8.58
C ARG C 14 -21.39 -5.78 -7.42
N GLU C 15 -22.61 -6.27 -7.25
CA GLU C 15 -23.43 -5.83 -6.13
C GLU C 15 -22.81 -6.41 -4.86
N ALA C 16 -22.37 -7.65 -4.97
CA ALA C 16 -21.77 -8.36 -3.85
C ALA C 16 -20.40 -7.76 -3.52
N ILE C 17 -19.59 -7.51 -4.56
CA ILE C 17 -18.27 -6.94 -4.33
C ILE C 17 -18.37 -5.55 -3.73
N ASP C 18 -19.33 -4.75 -4.19
CA ASP C 18 -19.49 -3.41 -3.65
C ASP C 18 -19.85 -3.46 -2.17
N ARG C 19 -20.74 -4.36 -1.80
CA ARG C 19 -21.15 -4.49 -0.40
C ARG C 19 -19.95 -4.92 0.46
N ILE C 20 -19.16 -5.86 -0.06
CA ILE C 20 -17.99 -6.34 0.67
C ILE C 20 -16.94 -5.25 0.85
N ASP C 21 -16.68 -4.50 -0.22
CA ASP C 21 -15.69 -3.43 -0.15
C ASP C 21 -16.12 -2.37 0.84
N LEU C 22 -17.42 -2.06 0.88
CA LEU C 22 -17.92 -1.07 1.82
C LEU C 22 -17.75 -1.61 3.24
N ASP C 23 -18.02 -2.91 3.43
CA ASP C 23 -17.87 -3.52 4.75
C ASP C 23 -16.42 -3.36 5.18
N ILE C 24 -15.50 -3.59 4.25
CA ILE C 24 -14.07 -3.45 4.55
C ILE C 24 -13.71 -2.01 4.94
N VAL C 25 -14.20 -1.05 4.17
CA VAL C 25 -13.93 0.35 4.47
C VAL C 25 -14.53 0.73 5.82
N GLN C 26 -15.74 0.28 6.11
CA GLN C 26 -16.37 0.58 7.39
C GLN C 26 -15.59 -0.07 8.53
N ALA C 27 -15.01 -1.24 8.27
CA ALA C 27 -14.22 -1.94 9.28
C ALA C 27 -12.93 -1.15 9.51
N LEU C 28 -12.29 -0.69 8.43
CA LEU C 28 -11.07 0.09 8.56
C LEU C 28 -11.39 1.35 9.36
N GLY C 29 -12.61 1.86 9.17
CA GLY C 29 -13.04 3.05 9.88
C GLY C 29 -13.08 2.82 11.38
N ARG C 30 -13.69 1.70 11.80
CA ARG C 30 -13.77 1.41 13.23
C ARG C 30 -12.40 1.08 13.79
N ARG C 31 -11.55 0.45 12.98
CA ARG C 31 -10.20 0.07 13.39
C ARG C 31 -9.42 1.31 13.80
N MET C 32 -9.67 2.41 13.09
CA MET C 32 -8.98 3.66 13.39
C MET C 32 -9.47 4.21 14.73
N ASP C 33 -10.75 4.02 15.03
CA ASP C 33 -11.27 4.51 16.30
C ASP C 33 -10.62 3.76 17.48
N TYR C 34 -10.31 2.48 17.28
CA TYR C 34 -9.65 1.73 18.34
C TYR C 34 -8.21 2.17 18.45
N VAL C 35 -7.55 2.36 17.31
CA VAL C 35 -6.17 2.81 17.31
C VAL C 35 -6.03 4.15 18.02
N LYS C 36 -7.02 5.03 17.82
CA LYS C 36 -6.99 6.34 18.46
C LYS C 36 -7.23 6.19 19.96
N ALA C 37 -8.24 5.40 20.33
CA ALA C 37 -8.54 5.16 21.73
C ALA C 37 -7.32 4.66 22.49
N ALA C 38 -6.46 3.93 21.80
CA ALA C 38 -5.26 3.36 22.41
C ALA C 38 -4.22 4.41 22.79
N SER C 39 -4.24 5.55 22.12
CA SER C 39 -3.26 6.60 22.39
C SER C 39 -3.22 7.01 23.86
N ARG C 40 -4.34 6.92 24.56
CA ARG C 40 -4.37 7.32 25.96
C ARG C 40 -3.72 6.30 26.90
N PHE C 41 -3.13 5.25 26.33
CA PHE C 41 -2.46 4.24 27.14
C PHE C 41 -0.98 4.26 26.78
N LYS C 42 -0.61 5.24 25.95
CA LYS C 42 0.77 5.41 25.50
C LYS C 42 1.42 6.53 26.31
N ALA C 43 2.50 6.19 27.02
CA ALA C 43 3.23 7.16 27.84
C ALA C 43 3.56 8.41 27.02
N SER C 44 4.44 8.25 26.04
CA SER C 44 4.82 9.37 25.20
C SER C 44 4.60 9.04 23.73
N GLU C 45 5.19 9.87 22.86
CA GLU C 45 5.07 9.71 21.42
C GLU C 45 6.18 8.81 20.88
N ALA C 46 7.14 8.48 21.73
CA ALA C 46 8.27 7.64 21.34
C ALA C 46 7.98 6.15 21.50
N ALA C 47 6.94 5.82 22.24
CA ALA C 47 6.58 4.43 22.47
C ALA C 47 5.39 3.98 21.63
N ILE C 48 4.74 4.92 20.94
CA ILE C 48 3.59 4.57 20.12
C ILE C 48 3.88 3.37 19.24
N PRO C 49 4.89 3.47 18.35
CA PRO C 49 5.17 2.31 17.51
C PRO C 49 5.84 1.20 18.32
N ALA C 50 5.12 0.09 18.52
CA ALA C 50 5.65 -1.04 19.26
C ALA C 50 6.19 -2.08 18.27
N PRO C 51 7.50 -2.02 17.98
CA PRO C 51 8.18 -2.93 17.05
C PRO C 51 7.85 -4.42 17.21
N GLU C 52 7.68 -4.85 18.46
CA GLU C 52 7.37 -6.26 18.71
C GLU C 52 5.95 -6.59 18.28
N ARG C 53 5.02 -5.65 18.45
CA ARG C 53 3.64 -5.91 18.07
C ARG C 53 3.49 -6.01 16.56
N VAL C 54 4.20 -5.18 15.82
CA VAL C 54 4.13 -5.19 14.36
C VAL C 54 4.74 -6.49 13.84
N ALA C 55 5.85 -6.89 14.46
CA ALA C 55 6.56 -8.11 14.10
C ALA C 55 5.68 -9.31 14.34
N ALA C 56 4.83 -9.24 15.36
CA ALA C 56 3.95 -10.34 15.68
C ALA C 56 2.65 -10.33 14.90
N MET C 57 2.19 -9.14 14.54
CA MET C 57 0.93 -9.01 13.80
C MET C 57 0.96 -9.57 12.38
N LEU C 58 1.99 -9.23 11.62
CA LEU C 58 2.10 -9.65 10.23
C LEU C 58 2.01 -11.16 9.94
N PRO C 59 2.88 -11.97 10.56
CA PRO C 59 2.82 -13.41 10.29
C PRO C 59 1.47 -14.01 10.67
N GLU C 60 0.77 -13.35 11.59
CA GLU C 60 -0.53 -13.80 12.02
C GLU C 60 -1.54 -13.57 10.90
N ARG C 61 -1.47 -12.39 10.30
CA ARG C 61 -2.35 -12.04 9.20
C ARG C 61 -2.01 -12.90 7.98
N ALA C 62 -0.74 -13.27 7.86
CA ALA C 62 -0.31 -14.14 6.77
C ALA C 62 -1.01 -15.49 6.91
N ARG C 63 -1.10 -16.00 8.15
CA ARG C 63 -1.75 -17.28 8.40
C ARG C 63 -3.23 -17.18 8.09
N TRP C 64 -3.85 -16.06 8.46
CA TRP C 64 -5.26 -15.87 8.21
C TRP C 64 -5.55 -15.87 6.70
N ALA C 65 -4.68 -15.24 5.92
CA ALA C 65 -4.85 -15.20 4.48
C ALA C 65 -4.87 -16.62 3.90
N GLU C 66 -3.93 -17.45 4.34
CA GLU C 66 -3.85 -18.81 3.86
C GLU C 66 -5.12 -19.59 4.16
N GLU C 67 -5.66 -19.41 5.36
CA GLU C 67 -6.88 -20.11 5.77
C GLU C 67 -8.03 -19.68 4.87
N ASN C 68 -7.94 -18.47 4.36
CA ASN C 68 -8.99 -17.92 3.51
C ASN C 68 -8.68 -18.00 2.01
N GLY C 69 -7.72 -18.85 1.65
CA GLY C 69 -7.37 -19.03 0.25
C GLY C 69 -6.77 -17.84 -0.46
N LEU C 70 -5.99 -17.04 0.26
CA LEU C 70 -5.36 -15.86 -0.32
C LEU C 70 -3.85 -15.95 -0.19
N ASP C 71 -3.13 -15.37 -1.14
CA ASP C 71 -1.67 -15.40 -1.09
C ASP C 71 -1.21 -14.67 0.18
N ALA C 72 -0.47 -15.38 1.03
CA ALA C 72 -0.01 -14.80 2.28
C ALA C 72 0.87 -13.55 2.13
N PRO C 73 1.90 -13.61 1.27
CA PRO C 73 2.75 -12.43 1.11
C PRO C 73 1.99 -11.19 0.66
N PHE C 74 0.98 -11.38 -0.19
CA PHE C 74 0.19 -10.24 -0.65
C PHE C 74 -0.60 -9.60 0.48
N VAL C 75 -1.32 -10.44 1.23
CA VAL C 75 -2.12 -9.93 2.34
C VAL C 75 -1.21 -9.35 3.42
N GLU C 76 -0.05 -9.98 3.62
CA GLU C 76 0.89 -9.49 4.61
C GLU C 76 1.33 -8.09 4.17
N GLY C 77 1.46 -7.89 2.86
CA GLY C 77 1.85 -6.59 2.34
C GLY C 77 0.73 -5.58 2.55
N LEU C 78 -0.51 -6.03 2.38
CA LEU C 78 -1.67 -5.16 2.59
C LEU C 78 -1.68 -4.66 4.02
N PHE C 79 -1.42 -5.55 4.97
CA PHE C 79 -1.42 -5.15 6.36
C PHE C 79 -0.19 -4.34 6.77
N ALA C 80 0.92 -4.53 6.09
CA ALA C 80 2.10 -3.73 6.40
C ALA C 80 1.71 -2.28 6.05
N GLN C 81 0.99 -2.14 4.94
CA GLN C 81 0.51 -0.85 4.44
C GLN C 81 -0.44 -0.23 5.47
N ILE C 82 -1.44 -1.00 5.86
CA ILE C 82 -2.45 -0.57 6.83
C ILE C 82 -1.86 -0.25 8.20
N ILE C 83 -1.14 -1.20 8.79
CA ILE C 83 -0.57 -1.00 10.11
C ILE C 83 0.31 0.25 10.22
N HIS C 84 1.18 0.47 9.25
CA HIS C 84 2.03 1.65 9.31
C HIS C 84 1.27 2.96 9.13
N TRP C 85 0.22 2.95 8.32
CA TRP C 85 -0.57 4.18 8.15
C TRP C 85 -1.21 4.53 9.48
N TYR C 86 -1.76 3.52 10.15
CA TYR C 86 -2.40 3.72 11.44
C TYR C 86 -1.41 4.08 12.55
N ILE C 87 -0.20 3.54 12.47
CA ILE C 87 0.84 3.86 13.45
C ILE C 87 1.15 5.35 13.33
N ALA C 88 1.35 5.81 12.10
CA ALA C 88 1.64 7.21 11.84
C ALA C 88 0.47 8.11 12.24
N GLU C 89 -0.75 7.65 12.00
CA GLU C 89 -1.93 8.44 12.35
C GLU C 89 -2.06 8.54 13.86
N GLN C 90 -1.68 7.48 14.56
CA GLN C 90 -1.73 7.48 16.01
C GLN C 90 -0.77 8.52 16.56
N ILE C 91 0.42 8.58 15.99
CA ILE C 91 1.42 9.57 16.42
C ILE C 91 0.91 10.99 16.19
N LYS C 92 0.28 11.21 15.04
CA LYS C 92 -0.26 12.52 14.72
C LYS C 92 -1.40 12.84 15.69
N TYR C 93 -2.26 11.86 15.91
CA TYR C 93 -3.38 12.02 16.82
C TYR C 93 -2.88 12.30 18.23
N TRP C 94 -1.91 11.50 18.68
CA TRP C 94 -1.36 11.68 20.01
C TRP C 94 -0.93 13.13 20.19
N ARG C 95 -0.21 13.67 19.20
CA ARG C 95 0.25 15.05 19.29
C ARG C 95 -0.89 16.05 19.21
N GLN C 96 -1.84 15.79 18.32
CA GLN C 96 -2.99 16.69 18.15
C GLN C 96 -3.83 16.78 19.42
N THR C 97 -3.95 15.67 20.14
CA THR C 97 -4.74 15.64 21.35
C THR C 97 -3.90 15.70 22.63
N ARG C 98 -2.58 15.73 22.47
CA ARG C 98 -1.69 15.79 23.62
C ARG C 98 -0.42 16.58 23.30
N MET D 1 -18.07 -6.99 20.51
CA MET D 1 -16.88 -6.70 21.36
C MET D 1 -17.01 -5.33 22.03
N LYS D 2 -16.09 -5.03 22.94
CA LYS D 2 -16.12 -3.76 23.66
C LYS D 2 -15.87 -2.62 22.68
N THR D 3 -16.58 -1.50 22.88
CA THR D 3 -16.40 -0.34 22.03
C THR D 3 -15.10 0.34 22.44
N PRO D 4 -14.56 1.22 21.59
CA PRO D 4 -13.32 1.94 21.86
C PRO D 4 -13.23 2.56 23.26
N GLU D 5 -14.26 3.32 23.65
CA GLU D 5 -14.25 3.95 24.96
C GLU D 5 -14.52 2.98 26.10
N ASP D 6 -14.98 1.78 25.77
CA ASP D 6 -15.25 0.78 26.78
C ASP D 6 -14.05 -0.13 27.01
N CYS D 7 -13.01 0.06 26.20
CA CYS D 7 -11.79 -0.74 26.35
C CYS D 7 -11.05 -0.19 27.56
N THR D 8 -10.64 -1.09 28.45
CA THR D 8 -9.96 -0.70 29.68
C THR D 8 -8.46 -0.53 29.55
N GLY D 9 -7.89 -1.04 28.46
CA GLY D 9 -6.45 -0.93 28.25
C GLY D 9 -6.02 -1.37 26.87
N LEU D 10 -4.72 -1.51 26.67
CA LEU D 10 -4.22 -1.92 25.37
C LEU D 10 -4.65 -3.34 25.00
N ALA D 11 -4.82 -4.21 26.00
CA ALA D 11 -5.21 -5.59 25.74
C ALA D 11 -6.56 -5.67 25.01
N ASP D 12 -7.56 -4.97 25.53
CA ASP D 12 -8.88 -4.95 24.92
C ASP D 12 -8.75 -4.41 23.50
N ILE D 13 -7.99 -3.33 23.36
CA ILE D 13 -7.79 -2.68 22.06
C ILE D 13 -7.17 -3.61 21.04
N ARG D 14 -6.06 -4.23 21.41
CA ARG D 14 -5.35 -5.12 20.52
C ARG D 14 -6.19 -6.32 20.06
N GLU D 15 -7.01 -6.87 20.95
CA GLU D 15 -7.84 -8.01 20.57
C GLU D 15 -8.99 -7.57 19.66
N ALA D 16 -9.50 -6.36 19.87
CA ALA D 16 -10.57 -5.82 19.03
C ALA D 16 -10.00 -5.61 17.63
N ILE D 17 -8.76 -5.11 17.57
CA ILE D 17 -8.11 -4.88 16.29
C ILE D 17 -7.82 -6.21 15.57
N ASP D 18 -7.46 -7.23 16.32
CA ASP D 18 -7.21 -8.54 15.72
C ASP D 18 -8.50 -9.04 15.07
N ARG D 19 -9.61 -8.91 15.79
CA ARG D 19 -10.91 -9.37 15.29
C ARG D 19 -11.31 -8.59 14.04
N ILE D 20 -11.08 -7.29 14.05
CA ILE D 20 -11.40 -6.45 12.89
C ILE D 20 -10.55 -6.87 11.69
N ASP D 21 -9.25 -7.07 11.93
CA ASP D 21 -8.36 -7.48 10.87
C ASP D 21 -8.74 -8.84 10.31
N LEU D 22 -9.16 -9.77 11.18
CA LEU D 22 -9.56 -11.09 10.71
C LEU D 22 -10.82 -10.95 9.87
N ASP D 23 -11.74 -10.09 10.32
CA ASP D 23 -12.97 -9.85 9.58
C ASP D 23 -12.65 -9.38 8.18
N ILE D 24 -11.60 -8.57 8.06
CA ILE D 24 -11.20 -8.05 6.76
C ILE D 24 -10.62 -9.15 5.89
N VAL D 25 -9.77 -10.01 6.46
CA VAL D 25 -9.18 -11.09 5.69
C VAL D 25 -10.27 -12.06 5.23
N GLN D 26 -11.26 -12.30 6.08
CA GLN D 26 -12.34 -13.20 5.72
C GLN D 26 -13.20 -12.55 4.64
N ALA D 27 -13.37 -11.23 4.71
CA ALA D 27 -14.14 -10.52 3.71
C ALA D 27 -13.37 -10.56 2.39
N LEU D 28 -12.05 -10.49 2.46
CA LEU D 28 -11.24 -10.52 1.24
C LEU D 28 -11.27 -11.93 0.61
N GLY D 29 -11.42 -12.94 1.46
CA GLY D 29 -11.50 -14.31 0.98
C GLY D 29 -12.80 -14.52 0.23
N ARG D 30 -13.88 -13.95 0.76
CA ARG D 30 -15.16 -14.08 0.09
C ARG D 30 -15.15 -13.25 -1.19
N ARG D 31 -14.45 -12.11 -1.15
CA ARG D 31 -14.35 -11.23 -2.30
C ARG D 31 -13.72 -11.99 -3.47
N MET D 32 -12.74 -12.83 -3.17
CA MET D 32 -12.05 -13.60 -4.20
C MET D 32 -12.98 -14.65 -4.84
N ASP D 33 -13.86 -15.26 -4.04
CA ASP D 33 -14.77 -16.25 -4.57
C ASP D 33 -15.64 -15.59 -5.64
N TYR D 34 -16.06 -14.35 -5.36
CA TYR D 34 -16.89 -13.62 -6.33
C TYR D 34 -16.12 -13.32 -7.60
N VAL D 35 -14.85 -12.93 -7.47
CA VAL D 35 -14.04 -12.61 -8.64
C VAL D 35 -13.77 -13.84 -9.50
N LYS D 36 -13.53 -14.98 -8.86
CA LYS D 36 -13.29 -16.22 -9.62
C LYS D 36 -14.58 -16.67 -10.29
N ALA D 37 -15.70 -16.40 -9.65
CA ALA D 37 -17.00 -16.77 -10.19
C ALA D 37 -17.28 -15.89 -11.40
N ALA D 38 -16.94 -14.62 -11.29
CA ALA D 38 -17.15 -13.65 -12.35
C ALA D 38 -16.41 -13.98 -13.64
N SER D 39 -15.35 -14.79 -13.56
CA SER D 39 -14.59 -15.14 -14.75
C SER D 39 -15.41 -15.88 -15.80
N ARG D 40 -16.43 -16.61 -15.37
CA ARG D 40 -17.26 -17.33 -16.32
C ARG D 40 -18.06 -16.35 -17.17
N PHE D 41 -17.99 -15.06 -16.81
CA PHE D 41 -18.70 -14.03 -17.55
C PHE D 41 -17.77 -13.17 -18.42
N LYS D 42 -16.55 -13.66 -18.60
CA LYS D 42 -15.56 -12.98 -19.41
C LYS D 42 -15.34 -13.79 -20.68
N ALA D 43 -15.57 -13.18 -21.84
CA ALA D 43 -15.42 -13.86 -23.12
C ALA D 43 -13.97 -14.22 -23.46
N SER D 44 -13.02 -13.51 -22.87
CA SER D 44 -11.61 -13.80 -23.14
C SER D 44 -10.73 -13.30 -22.01
N GLU D 45 -9.52 -13.86 -21.93
CA GLU D 45 -8.58 -13.45 -20.90
C GLU D 45 -8.36 -11.95 -21.00
N ALA D 46 -8.14 -11.47 -22.23
CA ALA D 46 -7.89 -10.06 -22.47
C ALA D 46 -9.07 -9.20 -22.03
N ALA D 47 -10.19 -9.83 -21.69
CA ALA D 47 -11.36 -9.09 -21.25
C ALA D 47 -11.40 -8.96 -19.73
N ILE D 48 -10.57 -9.74 -19.05
CA ILE D 48 -10.53 -9.73 -17.58
C ILE D 48 -10.59 -8.32 -17.00
N PRO D 49 -9.52 -7.53 -17.13
CA PRO D 49 -9.67 -6.20 -16.54
C PRO D 49 -10.69 -5.40 -17.35
N ALA D 50 -11.80 -5.03 -16.72
CA ALA D 50 -12.82 -4.22 -17.37
C ALA D 50 -12.48 -2.79 -16.99
N PRO D 51 -11.71 -2.11 -17.85
CA PRO D 51 -11.26 -0.71 -17.68
C PRO D 51 -12.24 0.23 -17.01
N GLU D 52 -13.44 0.31 -17.59
CA GLU D 52 -14.48 1.21 -17.07
C GLU D 52 -14.94 0.88 -15.66
N ARG D 53 -15.04 -0.41 -15.35
CA ARG D 53 -15.46 -0.85 -14.03
C ARG D 53 -14.46 -0.40 -12.98
N VAL D 54 -13.19 -0.71 -13.21
CA VAL D 54 -12.11 -0.33 -12.31
C VAL D 54 -12.11 1.18 -12.12
N ALA D 55 -12.29 1.91 -13.23
CA ALA D 55 -12.31 3.36 -13.20
C ALA D 55 -13.31 3.97 -12.23
N ALA D 56 -14.56 3.50 -12.24
CA ALA D 56 -15.57 4.04 -11.33
C ALA D 56 -15.44 3.51 -9.90
N MET D 57 -15.03 2.26 -9.77
CA MET D 57 -14.87 1.63 -8.44
C MET D 57 -13.98 2.43 -7.50
N LEU D 58 -12.76 2.74 -7.96
CA LEU D 58 -11.78 3.44 -7.15
C LEU D 58 -12.27 4.71 -6.46
N PRO D 59 -12.85 5.66 -7.22
CA PRO D 59 -13.33 6.89 -6.60
C PRO D 59 -14.40 6.60 -5.56
N GLU D 60 -15.23 5.61 -5.83
CA GLU D 60 -16.31 5.22 -4.92
C GLU D 60 -15.74 4.78 -3.57
N ARG D 61 -14.75 3.90 -3.59
CA ARG D 61 -14.15 3.44 -2.34
C ARG D 61 -13.46 4.58 -1.60
N ALA D 62 -12.86 5.51 -2.34
CA ALA D 62 -12.20 6.63 -1.71
C ALA D 62 -13.22 7.52 -1.02
N ARG D 63 -14.41 7.68 -1.61
CA ARG D 63 -15.43 8.51 -0.99
C ARG D 63 -15.95 7.83 0.27
N TRP D 64 -16.12 6.51 0.23
CA TRP D 64 -16.59 5.77 1.39
C TRP D 64 -15.58 5.96 2.54
N ALA D 65 -14.31 6.05 2.18
CA ALA D 65 -13.25 6.22 3.17
C ALA D 65 -13.43 7.54 3.93
N GLU D 66 -13.61 8.63 3.22
CA GLU D 66 -13.80 9.93 3.87
C GLU D 66 -15.08 9.93 4.71
N GLU D 67 -16.10 9.20 4.25
CA GLU D 67 -17.36 9.13 5.00
C GLU D 67 -17.15 8.38 6.31
N ASN D 68 -16.11 7.55 6.35
CA ASN D 68 -15.80 6.78 7.56
C ASN D 68 -14.58 7.30 8.33
N GLY D 69 -14.18 8.54 8.03
CA GLY D 69 -13.05 9.14 8.74
C GLY D 69 -11.65 8.74 8.31
N LEU D 70 -11.51 8.18 7.11
CA LEU D 70 -10.21 7.75 6.61
C LEU D 70 -9.78 8.58 5.41
N ASP D 71 -8.46 8.71 5.22
CA ASP D 71 -7.90 9.49 4.12
C ASP D 71 -8.22 8.85 2.77
N ALA D 72 -8.79 9.63 1.85
CA ALA D 72 -9.16 9.13 0.53
C ALA D 72 -7.99 8.67 -0.33
N PRO D 73 -6.91 9.47 -0.42
CA PRO D 73 -5.79 9.02 -1.25
C PRO D 73 -5.21 7.68 -0.78
N PHE D 74 -5.06 7.52 0.53
CA PHE D 74 -4.52 6.28 1.07
C PHE D 74 -5.39 5.07 0.75
N VAL D 75 -6.68 5.19 1.03
CA VAL D 75 -7.58 4.07 0.78
C VAL D 75 -7.79 3.81 -0.69
N GLU D 76 -7.77 4.86 -1.52
CA GLU D 76 -7.94 4.62 -2.95
C GLU D 76 -6.75 3.82 -3.47
N GLY D 77 -5.56 4.04 -2.89
CA GLY D 77 -4.40 3.29 -3.30
C GLY D 77 -4.52 1.86 -2.80
N LEU D 78 -5.06 1.71 -1.60
CA LEU D 78 -5.23 0.39 -1.00
C LEU D 78 -6.10 -0.47 -1.92
N PHE D 79 -7.23 0.09 -2.34
CA PHE D 79 -8.11 -0.67 -3.20
C PHE D 79 -7.57 -0.85 -4.59
N ALA D 80 -6.74 0.09 -5.03
CA ALA D 80 -6.14 -0.03 -6.34
C ALA D 80 -5.30 -1.30 -6.32
N GLN D 81 -4.59 -1.52 -5.21
CA GLN D 81 -3.73 -2.70 -5.09
C GLN D 81 -4.54 -3.98 -4.97
N ILE D 82 -5.68 -3.89 -4.29
CA ILE D 82 -6.54 -5.05 -4.11
C ILE D 82 -7.15 -5.46 -5.46
N ILE D 83 -7.80 -4.51 -6.11
CA ILE D 83 -8.43 -4.79 -7.39
C ILE D 83 -7.41 -5.31 -8.39
N HIS D 84 -6.24 -4.68 -8.41
CA HIS D 84 -5.13 -5.03 -9.30
C HIS D 84 -4.65 -6.47 -9.08
N TRP D 85 -4.49 -6.86 -7.82
CA TRP D 85 -4.05 -8.22 -7.52
C TRP D 85 -5.16 -9.22 -7.87
N TYR D 86 -6.40 -8.88 -7.54
CA TYR D 86 -7.52 -9.78 -7.82
C TYR D 86 -7.72 -9.94 -9.33
N ILE D 87 -7.33 -8.92 -10.09
CA ILE D 87 -7.43 -8.98 -11.54
C ILE D 87 -6.47 -10.05 -12.02
N ALA D 88 -5.25 -10.03 -11.46
CA ALA D 88 -4.24 -11.01 -11.82
C ALA D 88 -4.71 -12.41 -11.46
N GLU D 89 -5.29 -12.57 -10.27
CA GLU D 89 -5.77 -13.88 -9.86
C GLU D 89 -6.91 -14.34 -10.75
N GLN D 90 -7.72 -13.39 -11.22
CA GLN D 90 -8.85 -13.72 -12.08
C GLN D 90 -8.37 -14.21 -13.44
N ILE D 91 -7.31 -13.59 -13.95
CA ILE D 91 -6.72 -13.98 -15.22
C ILE D 91 -6.19 -15.40 -15.09
N LYS D 92 -5.49 -15.67 -13.99
CA LYS D 92 -4.94 -16.99 -13.72
C LYS D 92 -6.04 -18.05 -13.62
N TYR D 93 -7.14 -17.69 -12.97
CA TYR D 93 -8.26 -18.62 -12.80
C TYR D 93 -8.98 -18.84 -14.12
N TRP D 94 -9.21 -17.76 -14.85
CA TRP D 94 -9.88 -17.82 -16.15
C TRP D 94 -9.05 -18.71 -17.06
N ARG D 95 -7.74 -18.64 -16.88
CA ARG D 95 -6.80 -19.42 -17.69
C ARG D 95 -6.82 -20.92 -17.38
N GLN D 96 -6.90 -21.27 -16.10
CA GLN D 96 -6.91 -22.68 -15.71
C GLN D 96 -8.26 -23.37 -15.86
N THR D 97 -9.31 -22.60 -16.13
CA THR D 97 -10.64 -23.17 -16.30
C THR D 97 -11.24 -22.90 -17.68
N ARG D 98 -11.37 -21.63 -18.01
CA ARG D 98 -11.95 -21.22 -19.30
C ARG D 98 -11.02 -21.48 -20.47
N GLY D 99 -9.79 -20.99 -20.36
CA GLY D 99 -8.81 -21.15 -21.43
C GLY D 99 -8.31 -22.57 -21.57
N ALA D 100 -8.55 -23.39 -20.55
CA ALA D 100 -8.11 -24.78 -20.57
C ALA D 100 -8.61 -25.46 -21.82
C PYR E . 9.44 -7.79 -9.02
O PYR E . 8.75 -6.85 -9.37
OXT PYR E . 10.49 -7.58 -8.22
CA PYR E . 9.10 -9.18 -9.47
O3 PYR E . 9.79 -10.11 -9.12
CB PYR E . 7.91 -9.43 -10.39
C PYR F . 6.85 15.45 3.17
O PYR F . 7.02 15.72 2.00
OXT PYR F . 6.35 14.23 3.50
CA PYR F . 7.18 16.43 4.25
O3 PYR F . 7.00 16.13 5.41
CB PYR F . 7.74 17.79 3.90
C PYR G . -15.88 -7.38 -12.81
O PYR G . -16.39 -6.65 -11.99
OXT PYR G . -15.85 -7.00 -14.10
CA PYR G . -15.29 -8.68 -12.41
O3 PYR G . -14.79 -9.38 -13.25
CB PYR G . -15.31 -9.14 -10.97
C PYR H . -2.14 -0.99 14.32
O PYR H . -2.56 -0.32 13.40
OXT PYR H . -2.41 -2.31 14.36
CA PYR H . -1.33 -0.37 15.40
O3 PYR H . -0.93 -1.05 16.32
CB PYR H . -1.03 1.12 15.39
C PYR I . -1.08 -0.93 19.81
O PYR I . -1.61 -2.02 19.74
OXT PYR I . 0.18 -0.82 20.29
CA PYR I . -1.81 0.29 19.36
O3 PYR I . -1.28 1.36 19.43
CB PYR I . -3.22 0.18 18.83
CA CA J . -5.60 -12.26 19.31
C PYR K . -12.30 -6.42 -8.76
O PYR K . -11.43 -6.93 -8.10
OXT PYR K . -13.23 -5.67 -8.14
CA PYR K . -12.35 -6.61 -10.24
O3 PYR K . -13.23 -6.08 -10.88
CB PYR K . -11.31 -7.44 -10.93
#